data_9KH4
#
_entry.id   9KH4
#
_cell.length_a   49.154
_cell.length_b   49.154
_cell.length_c   160.770
_cell.angle_alpha   90.00
_cell.angle_beta   90.00
_cell.angle_gamma   90.00
#
_symmetry.space_group_name_H-M   'P 43 21 2'
#
loop_
_entity.id
_entity.type
_entity.pdbx_description
1 polymer Galectin-8
2 non-polymer 'SODIUM ION'
3 non-polymer ~{N}-[(2~{R},3~{R},4~{R},5~{S},6~{R})-6-(hydroxymethyl)-5-[(2~{S},3~{R},4~{S},5~{R},6~{R})-6-(hydroxymethyl)-3,4,5-tris(oxidanyl)oxan-2-yl]oxy-2,4-bis(oxidanyl)oxan-3-yl]ethanamide
4 non-polymer 'NICKEL (II) ION'
5 water water
#
_entity_poly.entity_id   1
_entity_poly.type   'polypeptide(L)'
_entity_poly.pdbx_seq_one_letter_code
;SLNNLQNIIYNPVIPFVGTIPDQLDPGTLIVIRGHVPSDADRFQVDLQNGSSMKPRADVAFHFNPRFKRAGCIVCNTLIN
EKWGREEITYDTPFKREKSFEIVIMVLKDKFQVAVNGKHTLLYGHRIGPEKIDTLGIYGKVNIHSIGFSF
;
_entity_poly.pdbx_strand_id   A
#
# COMPACT_ATOMS: atom_id res chain seq x y z
N SER A 1 -12.93 -0.47 -15.14
CA SER A 1 -11.72 -0.69 -14.36
C SER A 1 -12.03 -0.72 -12.85
N LEU A 2 -12.64 0.34 -12.33
CA LEU A 2 -13.12 0.34 -10.96
C LEU A 2 -14.59 -0.09 -10.86
N ASN A 3 -15.17 -0.59 -11.94
CA ASN A 3 -16.60 -0.91 -11.93
C ASN A 3 -16.94 -1.96 -10.88
N ASN A 4 -15.99 -2.82 -10.52
CA ASN A 4 -16.23 -3.85 -9.51
C ASN A 4 -15.75 -3.44 -8.12
N LEU A 5 -15.27 -2.21 -7.96
CA LEU A 5 -14.76 -1.77 -6.67
C LEU A 5 -15.87 -1.76 -5.63
N GLN A 6 -15.57 -2.29 -4.45
CA GLN A 6 -16.47 -2.25 -3.31
C GLN A 6 -15.70 -1.66 -2.13
N ASN A 7 -15.99 -0.39 -1.83
CA ASN A 7 -15.38 0.27 -0.68
C ASN A 7 -16.04 -0.22 0.60
N ILE A 8 -15.22 -0.49 1.62
CA ILE A 8 -15.76 -1.11 2.82
C ILE A 8 -15.28 -0.47 4.12
N ILE A 9 -14.25 0.35 4.03
CA ILE A 9 -13.75 1.08 5.19
C ILE A 9 -13.69 2.57 4.84
N TYR A 10 -14.34 3.40 5.66
CA TYR A 10 -14.33 4.83 5.43
C TYR A 10 -13.72 5.55 6.61
N ASN A 11 -12.86 6.52 6.31
CA ASN A 11 -12.21 7.40 7.29
C ASN A 11 -11.74 6.64 8.52
N PRO A 12 -10.91 5.63 8.33
CA PRO A 12 -10.36 4.89 9.48
C PRO A 12 -9.39 5.73 10.28
N VAL A 13 -9.31 5.41 11.57
CA VAL A 13 -8.22 5.90 12.39
C VAL A 13 -6.91 5.29 11.90
N ILE A 14 -5.88 6.11 11.81
CA ILE A 14 -4.54 5.68 11.44
C ILE A 14 -3.71 5.62 12.72
N PRO A 15 -3.03 4.50 13.00
CA PRO A 15 -2.83 3.31 12.16
C PRO A 15 -4.06 2.44 11.98
N PHE A 16 -4.24 1.95 10.75
CA PHE A 16 -5.29 1.04 10.41
C PHE A 16 -4.69 -0.33 10.13
N VAL A 17 -5.30 -1.36 10.70
CA VAL A 17 -4.94 -2.76 10.44
C VAL A 17 -6.24 -3.52 10.25
N GLY A 18 -6.39 -4.16 9.11
CA GLY A 18 -7.64 -4.84 8.81
C GLY A 18 -7.42 -6.08 7.96
N THR A 19 -8.27 -7.08 8.18
CA THR A 19 -8.21 -8.29 7.38
C THR A 19 -8.75 -8.03 5.98
N ILE A 20 -8.00 -8.46 4.97
CA ILE A 20 -8.46 -8.42 3.58
C ILE A 20 -9.47 -9.55 3.38
N PRO A 21 -10.65 -9.28 2.82
CA PRO A 21 -11.73 -10.27 2.88
C PRO A 21 -11.67 -11.40 1.86
N ASP A 22 -10.67 -11.43 0.98
CA ASP A 22 -10.58 -12.43 -0.08
C ASP A 22 -9.10 -12.55 -0.45
N GLN A 23 -8.77 -13.58 -1.21
CA GLN A 23 -7.39 -13.83 -1.62
C GLN A 23 -7.01 -12.92 -2.79
N LEU A 24 -5.78 -12.38 -2.72
CA LEU A 24 -5.31 -11.43 -3.71
C LEU A 24 -4.88 -12.18 -4.97
N ASP A 25 -5.86 -12.56 -5.76
CA ASP A 25 -5.60 -13.25 -7.01
C ASP A 25 -5.34 -12.26 -8.12
N PRO A 26 -4.75 -12.71 -9.24
CA PRO A 26 -4.48 -11.79 -10.35
C PRO A 26 -5.74 -11.05 -10.76
N GLY A 27 -5.57 -9.77 -11.06
CA GLY A 27 -6.69 -8.90 -11.36
C GLY A 27 -7.30 -8.22 -10.16
N THR A 28 -6.93 -8.62 -8.95
CA THR A 28 -7.45 -7.99 -7.75
C THR A 28 -6.96 -6.54 -7.66
N LEU A 29 -7.84 -5.66 -7.21
CA LEU A 29 -7.48 -4.27 -6.96
C LEU A 29 -7.67 -3.94 -5.48
N ILE A 30 -6.72 -3.18 -4.93
CA ILE A 30 -6.83 -2.52 -3.65
C ILE A 30 -6.81 -1.02 -3.95
N VAL A 31 -7.85 -0.31 -3.51
CA VAL A 31 -8.01 1.09 -3.87
C VAL A 31 -8.09 1.91 -2.58
N ILE A 32 -7.17 2.86 -2.43
CA ILE A 32 -7.00 3.64 -1.21
C ILE A 32 -7.01 5.11 -1.58
N ARG A 33 -7.94 5.86 -1.01
CA ARG A 33 -8.10 7.28 -1.31
C ARG A 33 -7.91 8.08 -0.03
N GLY A 34 -7.20 9.20 -0.15
CA GLY A 34 -6.92 10.00 1.02
C GLY A 34 -6.13 11.26 0.72
N HIS A 35 -5.50 11.77 1.77
CA HIS A 35 -4.74 13.01 1.72
C HIS A 35 -3.39 12.84 2.41
N VAL A 36 -2.40 13.59 1.95
CA VAL A 36 -1.12 13.72 2.65
C VAL A 36 -1.16 15.01 3.47
N PRO A 37 -1.02 14.94 4.79
CA PRO A 37 -1.00 16.19 5.58
C PRO A 37 0.21 17.05 5.26
N SER A 38 0.08 18.33 5.60
CA SER A 38 1.13 19.29 5.29
C SER A 38 2.43 18.96 6.00
N ASP A 39 2.36 18.34 7.17
CA ASP A 39 3.55 18.06 7.96
C ASP A 39 4.09 16.65 7.72
N ALA A 40 3.66 15.98 6.65
CA ALA A 40 3.98 14.57 6.49
C ALA A 40 5.45 14.35 6.18
N ASP A 41 6.07 13.44 6.94
CA ASP A 41 7.39 12.93 6.62
C ASP A 41 7.32 11.67 5.76
N ARG A 42 6.41 10.76 6.08
CA ARG A 42 6.23 9.53 5.32
C ARG A 42 4.93 8.88 5.76
N PHE A 43 4.39 8.03 4.89
CA PHE A 43 3.38 7.06 5.30
C PHE A 43 3.65 5.77 4.55
N GLN A 44 2.96 4.71 4.95
CA GLN A 44 3.14 3.45 4.26
C GLN A 44 1.82 2.69 4.17
N VAL A 45 1.71 1.94 3.08
CA VAL A 45 0.68 0.93 2.87
C VAL A 45 1.39 -0.42 2.87
N ASP A 46 1.07 -1.27 3.83
CA ASP A 46 1.73 -2.56 4.00
C ASP A 46 0.74 -3.68 3.76
N LEU A 47 1.10 -4.59 2.85
CA LEU A 47 0.34 -5.82 2.62
C LEU A 47 1.03 -6.93 3.40
N GLN A 48 0.37 -7.43 4.44
CA GLN A 48 1.02 -8.24 5.46
C GLN A 48 0.49 -9.67 5.46
N ASN A 49 1.36 -10.58 5.87
CA ASN A 49 0.96 -11.94 6.22
C ASN A 49 0.65 -11.91 7.72
N GLY A 50 -0.60 -11.63 8.04
CA GLY A 50 -1.03 -11.56 9.43
C GLY A 50 -0.86 -10.19 10.04
N SER A 51 -1.31 -10.10 11.30
CA SER A 51 -1.33 -8.87 12.06
C SER A 51 -0.49 -8.94 13.33
N SER A 52 0.35 -9.96 13.47
CA SER A 52 1.23 -10.04 14.64
C SER A 52 2.04 -8.76 14.77
N MET A 53 2.14 -8.25 15.99
CA MET A 53 2.99 -7.10 16.29
C MET A 53 4.27 -7.46 17.04
N LYS A 54 4.23 -8.49 17.88
CA LYS A 54 5.41 -8.97 18.60
C LYS A 54 5.39 -10.50 18.53
N PRO A 55 6.11 -11.11 17.58
CA PRO A 55 7.01 -10.50 16.58
C PRO A 55 6.25 -9.85 15.44
N ARG A 56 6.91 -8.96 14.73
CA ARG A 56 6.24 -8.19 13.69
C ARG A 56 5.94 -9.05 12.46
N ALA A 57 4.69 -8.98 12.00
CA ALA A 57 4.25 -9.74 10.84
C ALA A 57 5.07 -9.42 9.60
N ASP A 58 5.32 -10.44 8.79
CA ASP A 58 5.96 -10.23 7.50
C ASP A 58 5.16 -9.24 6.66
N VAL A 59 5.87 -8.39 5.94
CA VAL A 59 5.24 -7.45 5.00
C VAL A 59 5.64 -7.89 3.60
N ALA A 60 4.70 -8.47 2.87
CA ALA A 60 4.99 -8.87 1.48
C ALA A 60 5.31 -7.65 0.63
N PHE A 61 4.56 -6.57 0.82
CA PHE A 61 4.67 -5.37 -0.02
C PHE A 61 4.54 -4.15 0.88
N HIS A 62 5.67 -3.47 1.09
CA HIS A 62 5.79 -2.21 1.81
C HIS A 62 5.87 -1.11 0.76
N PHE A 63 4.86 -0.25 0.74
CA PHE A 63 4.73 0.84 -0.25
C PHE A 63 4.82 2.13 0.54
N ASN A 64 5.96 2.81 0.48
CA ASN A 64 6.36 3.80 1.49
C ASN A 64 6.75 5.11 0.85
N PRO A 65 5.78 5.98 0.56
CA PRO A 65 6.12 7.33 0.08
C PRO A 65 6.81 8.14 1.18
N ARG A 66 7.91 8.80 0.80
CA ARG A 66 8.68 9.65 1.68
C ARG A 66 8.77 11.03 1.05
N PHE A 67 8.67 12.07 1.89
CA PHE A 67 8.45 13.42 1.38
C PHE A 67 9.62 14.37 1.60
N LYS A 68 10.62 13.98 2.37
CA LYS A 68 11.78 14.85 2.54
C LYS A 68 12.48 15.06 1.22
N ARG A 69 13.18 16.19 1.10
CA ARG A 69 13.94 16.56 -0.10
C ARG A 69 12.99 16.45 -1.30
N ALA A 70 13.38 15.78 -2.38
CA ALA A 70 12.56 15.74 -3.58
C ALA A 70 11.47 14.69 -3.52
N GLY A 71 11.43 13.87 -2.46
CA GLY A 71 10.44 12.83 -2.35
C GLY A 71 10.79 11.59 -3.12
N CYS A 72 10.29 10.45 -2.67
CA CYS A 72 10.46 9.19 -3.35
C CYS A 72 9.44 8.21 -2.81
N ILE A 73 9.40 7.02 -3.39
CA ILE A 73 8.65 5.89 -2.85
C ILE A 73 9.63 4.75 -2.66
N VAL A 74 9.72 4.24 -1.43
CA VAL A 74 10.51 3.06 -1.11
C VAL A 74 9.55 1.88 -1.06
N CYS A 75 9.91 0.80 -1.75
CA CYS A 75 9.18 -0.47 -1.70
C CYS A 75 10.15 -1.53 -1.21
N ASN A 76 9.65 -2.44 -0.37
CA ASN A 76 10.49 -3.47 0.21
C ASN A 76 9.60 -4.56 0.76
N THR A 77 10.24 -5.61 1.28
CA THR A 77 9.59 -6.76 1.88
C THR A 77 10.24 -7.00 3.23
N LEU A 78 9.41 -7.27 4.24
CA LEU A 78 9.88 -7.55 5.59
C LEU A 78 9.64 -9.02 5.88
N ILE A 79 10.70 -9.76 6.20
CA ILE A 79 10.62 -11.15 6.59
C ILE A 79 11.45 -11.35 7.85
N ASN A 80 10.88 -12.02 8.84
CA ASN A 80 11.55 -12.25 10.12
C ASN A 80 12.05 -10.94 10.71
N GLU A 81 11.23 -9.89 10.59
CA GLU A 81 11.48 -8.59 11.19
C GLU A 81 12.69 -7.88 10.59
N LYS A 82 13.11 -8.31 9.40
CA LYS A 82 14.27 -7.76 8.73
C LYS A 82 13.88 -7.32 7.32
N TRP A 83 14.38 -6.16 6.93
CA TRP A 83 14.09 -5.62 5.60
C TRP A 83 15.02 -6.20 4.56
N GLY A 84 14.50 -6.38 3.36
CA GLY A 84 15.25 -6.83 2.23
C GLY A 84 15.80 -5.67 1.41
N ARG A 85 15.99 -5.93 0.12
CA ARG A 85 16.58 -4.95 -0.78
C ARG A 85 15.54 -3.91 -1.19
N GLU A 86 15.85 -2.63 -0.97
CA GLU A 86 14.94 -1.56 -1.31
C GLU A 86 14.85 -1.36 -2.82
N GLU A 87 13.64 -1.15 -3.32
CA GLU A 87 13.40 -0.67 -4.68
C GLU A 87 12.87 0.76 -4.56
N ILE A 88 13.68 1.73 -4.96
CA ILE A 88 13.35 3.14 -4.78
C ILE A 88 12.84 3.69 -6.11
N THR A 89 11.74 4.41 -6.05
CA THR A 89 11.14 5.10 -7.19
C THR A 89 11.23 6.60 -6.90
N TYR A 90 11.97 7.33 -7.73
CA TYR A 90 12.14 8.75 -7.50
C TYR A 90 11.08 9.61 -8.19
N ASP A 91 10.41 9.07 -9.21
CA ASP A 91 9.35 9.79 -9.88
C ASP A 91 8.06 9.54 -9.10
N THR A 92 7.84 10.34 -8.05
CA THR A 92 6.71 10.11 -7.15
C THR A 92 5.62 11.15 -7.38
N PRO A 93 4.35 10.72 -7.44
CA PRO A 93 3.25 11.69 -7.61
C PRO A 93 2.73 12.29 -6.32
N PHE A 94 3.17 11.82 -5.16
CA PHE A 94 2.60 12.29 -3.90
C PHE A 94 3.18 13.64 -3.51
N LYS A 95 2.33 14.48 -2.94
CA LYS A 95 2.72 15.79 -2.45
C LYS A 95 1.98 16.06 -1.15
N ARG A 96 2.69 16.62 -0.17
CA ARG A 96 2.02 17.16 1.00
C ARG A 96 0.87 18.05 0.57
N GLU A 97 -0.25 17.95 1.30
CA GLU A 97 -1.45 18.75 1.12
C GLU A 97 -2.21 18.40 -0.15
N LYS A 98 -1.91 17.26 -0.78
CA LYS A 98 -2.61 16.83 -1.98
C LYS A 98 -3.38 15.55 -1.72
N SER A 99 -4.57 15.45 -2.34
CA SER A 99 -5.36 14.23 -2.34
C SER A 99 -4.78 13.22 -3.33
N PHE A 100 -5.09 11.95 -3.09
CA PHE A 100 -4.61 10.90 -3.98
C PHE A 100 -5.60 9.75 -4.02
N GLU A 101 -5.48 8.96 -5.09
CA GLU A 101 -6.09 7.65 -5.20
C GLU A 101 -4.98 6.68 -5.58
N ILE A 102 -4.73 5.71 -4.70
CA ILE A 102 -3.80 4.62 -4.97
C ILE A 102 -4.61 3.42 -5.46
N VAL A 103 -4.24 2.88 -6.61
CA VAL A 103 -4.77 1.61 -7.09
C VAL A 103 -3.60 0.63 -7.14
N ILE A 104 -3.64 -0.39 -6.29
CA ILE A 104 -2.70 -1.51 -6.33
C ILE A 104 -3.38 -2.64 -7.09
N MET A 105 -2.84 -3.00 -8.25
CA MET A 105 -3.35 -4.14 -9.00
C MET A 105 -2.42 -5.33 -8.75
N VAL A 106 -2.99 -6.45 -8.35
CA VAL A 106 -2.22 -7.67 -8.10
C VAL A 106 -2.19 -8.48 -9.38
N LEU A 107 -0.98 -8.72 -9.90
CA LEU A 107 -0.77 -9.56 -11.06
C LEU A 107 -0.12 -10.87 -10.62
N LYS A 108 0.07 -11.77 -11.59
CA LYS A 108 0.61 -13.08 -11.28
C LYS A 108 2.01 -12.97 -10.68
N ASP A 109 2.86 -12.12 -11.28
CA ASP A 109 4.26 -12.05 -10.92
C ASP A 109 4.63 -10.77 -10.17
N LYS A 110 3.72 -9.81 -10.04
CA LYS A 110 4.10 -8.51 -9.50
C LYS A 110 2.87 -7.73 -9.08
N PHE A 111 3.09 -6.67 -8.31
CA PHE A 111 2.12 -5.61 -8.09
C PHE A 111 2.35 -4.52 -9.13
N GLN A 112 1.26 -3.96 -9.65
CA GLN A 112 1.31 -2.79 -10.52
C GLN A 112 0.53 -1.69 -9.83
N VAL A 113 1.19 -0.58 -9.53
CA VAL A 113 0.60 0.50 -8.75
C VAL A 113 0.42 1.72 -9.64
N ALA A 114 -0.81 2.22 -9.69
CA ALA A 114 -1.13 3.50 -10.33
C ALA A 114 -1.63 4.47 -9.27
N VAL A 115 -1.25 5.73 -9.40
CA VAL A 115 -1.69 6.80 -8.52
C VAL A 115 -2.32 7.89 -9.35
N ASN A 116 -3.54 8.29 -8.98
CA ASN A 116 -4.25 9.38 -9.65
C ASN A 116 -4.36 9.13 -11.16
N GLY A 117 -4.65 7.88 -11.52
CA GLY A 117 -4.86 7.51 -12.90
C GLY A 117 -3.60 7.28 -13.70
N LYS A 118 -2.42 7.39 -13.09
CA LYS A 118 -1.17 7.30 -13.82
C LYS A 118 -0.30 6.20 -13.21
N HIS A 119 0.30 5.39 -14.09
CA HIS A 119 1.17 4.33 -13.61
C HIS A 119 2.29 4.91 -12.76
N THR A 120 2.58 4.25 -11.65
CA THR A 120 3.61 4.70 -10.73
C THR A 120 4.78 3.73 -10.63
N LEU A 121 4.52 2.46 -10.39
CA LEU A 121 5.63 1.51 -10.26
C LEU A 121 5.13 0.08 -10.31
N LEU A 122 6.10 -0.83 -10.44
CA LEU A 122 5.91 -2.26 -10.36
C LEU A 122 6.77 -2.82 -9.23
N TYR A 123 6.32 -3.93 -8.65
CA TYR A 123 7.07 -4.58 -7.57
C TYR A 123 6.87 -6.09 -7.72
N GLY A 124 7.95 -6.81 -8.01
CA GLY A 124 7.84 -8.25 -8.15
C GLY A 124 7.56 -8.92 -6.81
N HIS A 125 6.76 -9.99 -6.86
CA HIS A 125 6.40 -10.71 -5.65
C HIS A 125 7.63 -11.38 -5.05
N ARG A 126 7.86 -11.14 -3.75
CA ARG A 126 8.85 -11.86 -2.98
C ARG A 126 8.22 -12.85 -2.02
N ILE A 127 6.98 -12.59 -1.60
CA ILE A 127 6.15 -13.51 -0.83
C ILE A 127 4.96 -13.86 -1.70
N GLY A 128 4.54 -15.12 -1.70
CA GLY A 128 3.39 -15.53 -2.47
C GLY A 128 2.18 -14.72 -2.09
N PRO A 129 1.49 -14.11 -3.06
CA PRO A 129 0.38 -13.23 -2.69
C PRO A 129 -0.74 -13.95 -1.94
N GLU A 130 -0.78 -15.28 -1.99
CA GLU A 130 -1.81 -16.00 -1.24
C GLU A 130 -1.62 -15.88 0.27
N LYS A 131 -0.41 -15.55 0.72
CA LYS A 131 -0.12 -15.40 2.13
C LYS A 131 -0.45 -14.01 2.66
N ILE A 132 -0.97 -13.12 1.81
CA ILE A 132 -1.33 -11.77 2.23
C ILE A 132 -2.78 -11.79 2.68
N ASP A 133 -3.01 -11.49 3.96
CA ASP A 133 -4.37 -11.42 4.48
C ASP A 133 -4.66 -10.14 5.23
N THR A 134 -3.72 -9.19 5.30
CA THR A 134 -3.85 -8.03 6.18
C THR A 134 -3.35 -6.78 5.49
N LEU A 135 -4.15 -5.71 5.57
CA LEU A 135 -3.80 -4.39 5.06
C LEU A 135 -3.47 -3.49 6.25
N GLY A 136 -2.26 -2.94 6.25
CA GLY A 136 -1.89 -1.97 7.26
C GLY A 136 -1.58 -0.64 6.64
N ILE A 137 -2.08 0.44 7.23
CA ILE A 137 -1.74 1.80 6.81
C ILE A 137 -1.24 2.55 8.03
N TYR A 138 0.00 3.06 7.93
CA TYR A 138 0.68 3.68 9.05
C TYR A 138 1.30 5.00 8.61
N GLY A 139 1.56 5.88 9.58
CA GLY A 139 2.27 7.11 9.32
C GLY A 139 1.38 8.32 9.18
N LYS A 140 1.96 9.40 8.64
CA LYS A 140 1.27 10.68 8.50
C LYS A 140 0.50 10.65 7.19
N VAL A 141 -0.77 10.24 7.27
CA VAL A 141 -1.64 10.15 6.11
C VAL A 141 -3.07 10.17 6.62
N ASN A 142 -3.98 10.72 5.81
CA ASN A 142 -5.41 10.69 6.10
C ASN A 142 -6.09 9.86 5.02
N ILE A 143 -6.89 8.89 5.45
CA ILE A 143 -7.50 7.93 4.53
C ILE A 143 -9.00 8.15 4.54
N HIS A 144 -9.55 8.42 3.36
CA HIS A 144 -10.99 8.56 3.22
C HIS A 144 -11.67 7.21 3.02
N SER A 145 -11.09 6.35 2.18
CA SER A 145 -11.74 5.09 1.88
C SER A 145 -10.74 4.01 1.49
N ILE A 146 -11.07 2.78 1.88
CA ILE A 146 -10.36 1.58 1.46
C ILE A 146 -11.39 0.68 0.78
N GLY A 147 -11.07 0.21 -0.42
CA GLY A 147 -11.94 -0.71 -1.13
C GLY A 147 -11.15 -1.77 -1.84
N PHE A 148 -11.86 -2.83 -2.24
CA PHE A 148 -11.28 -3.94 -2.97
C PHE A 148 -12.15 -4.28 -4.17
N SER A 149 -11.51 -4.80 -5.21
CA SER A 149 -12.18 -5.37 -6.37
C SER A 149 -11.55 -6.73 -6.61
N PHE A 150 -12.32 -7.80 -6.40
CA PHE A 150 -11.81 -9.15 -6.58
C PHE A 150 -12.32 -9.74 -7.90
#